data_2LA9
#
_entry.id   2LA9
#
_entity_poly.entity_id   1
_entity_poly.type   'polyribonucleotide'
_entity_poly.pdbx_seq_one_letter_code
;GGGGACUGUAAA(PSU)CCCC
;
_entity_poly.pdbx_strand_id   A
#